data_6BMD
#
_entry.id   6BMD
#
_cell.length_a   107.392
_cell.length_b   63.759
_cell.length_c   65.840
_cell.angle_alpha   90.00
_cell.angle_beta   122.53
_cell.angle_gamma   90.00
#
_symmetry.space_group_name_H-M   'C 1 2 1'
#
loop_
_entity.id
_entity.type
_entity.pdbx_description
1 polymer "RNA (5'-R(P*GP*AP*GP*GP*UP*GP*(LCC)P*(LCC)P*GP*AP*GP*CP*GP*CP*GP*AP*AP*AP*GP*CP*GP*CP*UP*C)-3')"
2 polymer "RNA (5'-D(*(GP3))-R(P*CP*AP*CP*CP*UP*CP*A)-3')"
3 water water
#
loop_
_entity_poly.entity_id
_entity_poly.type
_entity_poly.pdbx_seq_one_letter_code
_entity_poly.pdbx_strand_id
1 'polyribonucleotide' GAGGUG(LCC)(LCC)GAGCGCGAAAGCGCUC A,C,E
2 'polyribonucleotide' (GP3)CACCUCA B,D,F
#
loop_
_chem_comp.id
_chem_comp.type
_chem_comp.name
_chem_comp.formula
A RNA linking ADENOSINE-5'-MONOPHOSPHATE 'C10 H14 N5 O7 P'
C RNA linking CYTIDINE-5'-MONOPHOSPHATE 'C9 H14 N3 O8 P'
G RNA linking GUANOSINE-5'-MONOPHOSPHATE 'C10 H14 N5 O8 P'
GP3 non-polymer DIGUANOSINE-5'-TRIPHOSPHATE 'C20 H27 N10 O18 P3'
LCC RNA linking '[(1R,3R,4R,7S)-7-HYDROXY-3-(5-METHYLCYTOSIN-1-YL)-2,5-DIOXABICYCLO[2.2.1]HEPT-1-YL]METHYL DIHYDROGEN PHOSPHATE' 'C11 H16 N3 O8 P'
U RNA linking URIDINE-5'-MONOPHOSPHATE 'C9 H13 N2 O9 P'
#
# COMPACT_ATOMS: atom_id res chain seq x y z
O5' LCC A 7 6.35 -22.91 -2.86
C5' LCC A 7 6.10 -21.94 -1.82
C4' LCC A 7 7.25 -20.93 -1.73
O4' LCC A 7 8.05 -20.67 -2.88
C1' LCC A 7 8.48 -19.29 -2.73
N1 LCC A 7 7.94 -18.47 -3.85
C6 LCC A 7 7.14 -19.05 -4.88
C5 LCC A 7 6.67 -18.26 -5.94
C5M LCC A 7 5.87 -18.80 -6.96
C4 LCC A 7 7.06 -16.91 -5.96
N4 LCC A 7 6.61 -16.14 -6.95
N3 LCC A 7 7.83 -16.41 -4.97
C2 LCC A 7 8.26 -17.16 -3.93
O2 LCC A 7 8.96 -16.61 -3.09
C3' LCC A 7 6.69 -19.62 -1.43
C2' LCC A 7 7.98 -18.94 -1.35
O2' LCC A 7 8.74 -19.76 -0.42
O3' LCC A 7 6.04 -19.81 -0.23
C6' LCC A 7 8.24 -21.19 -0.59
P LCC A 7 5.27 -23.81 -3.82
O1P LCC A 7 4.12 -24.05 -2.72
O2P LCC A 7 4.65 -22.90 -4.99
O5' LCC A 8 5.10 -17.86 -0.11
C5' LCC A 8 5.01 -17.07 1.09
C4' LCC A 8 5.91 -15.88 0.87
O4' LCC A 8 6.86 -15.95 -0.21
C1' LCC A 8 7.00 -14.56 -0.60
N1 LCC A 8 6.36 -14.39 -1.92
C6 LCC A 8 5.61 -15.41 -2.53
C5 LCC A 8 5.00 -15.18 -3.75
C5M LCC A 8 4.23 -16.23 -4.35
C4 LCC A 8 5.18 -13.93 -4.32
N4 LCC A 8 4.60 -13.68 -5.47
N3 LCC A 8 5.89 -12.99 -3.71
C2 LCC A 8 6.46 -13.21 -2.52
O2 LCC A 8 7.11 -12.32 -1.97
C3' LCC A 8 5.08 -14.73 0.58
C2' LCC A 8 6.20 -13.79 0.48
O2' LCC A 8 6.74 -13.97 1.81
O3' LCC A 8 4.32 -14.45 1.70
C6' LCC A 8 6.65 -15.42 2.14
P LCC A 8 4.42 -19.28 -0.29
O1P LCC A 8 3.51 -19.28 0.95
O2P LCC A 8 3.64 -18.74 -1.47
N9A GP3 B 1 6.65 -7.05 -7.25
C8A GP3 B 1 6.27 -7.43 -8.47
N7A GP3 B 1 6.02 -8.73 -8.43
C5A GP3 B 1 6.26 -9.18 -7.17
C6A GP3 B 1 6.17 -10.39 -6.63
O6A GP3 B 1 5.84 -11.39 -7.27
N1A GP3 B 1 6.47 -10.53 -5.32
C2A GP3 B 1 6.88 -9.44 -4.60
N2A GP3 B 1 7.17 -9.61 -3.34
N3A GP3 B 1 6.96 -8.24 -5.16
C4A GP3 B 1 6.65 -8.13 -6.44
O5D GP3 B 1 8.19 -5.19 -10.26
C5D GP3 B 1 7.89 -3.89 -9.79
C4D GP3 B 1 7.80 -3.89 -8.26
O4D GP3 B 1 6.66 -4.69 -7.84
C3D GP3 B 1 9.07 -4.47 -7.63
O3D GP3 B 1 9.67 -3.50 -6.79
C2D GP3 B 1 8.60 -5.61 -6.80
O2D GP3 B 1 9.03 -5.42 -5.43
C1D GP3 B 1 7.06 -5.64 -6.85
PA GP3 B 1 8.09 -5.59 -11.83
O1A GP3 B 1 7.08 -6.64 -12.04
O2A GP3 B 1 7.99 -4.32 -12.58
O3A GP3 B 1 9.50 -6.41 -11.95
PB GP3 B 1 10.88 -5.58 -12.02
O1B GP3 B 1 10.94 -4.13 -11.75
O2B GP3 B 1 11.61 -5.97 -13.10
O3B GP3 B 1 11.20 -6.28 -10.53
PG GP3 B 1 11.92 -7.76 -10.24
O1G GP3 B 1 11.15 -8.75 -11.03
O2G GP3 B 1 13.38 -7.69 -10.39
O5E GP3 B 1 11.73 -7.78 -8.62
C5E GP3 B 1 12.63 -8.38 -7.69
C4E GP3 B 1 12.18 -8.00 -6.27
O4E GP3 B 1 10.76 -7.87 -6.15
C3E GP3 B 1 12.50 -9.09 -5.22
O3E GP3 B 1 13.87 -8.89 -5.22
C2E GP3 B 1 11.30 -9.33 -4.38
O2E GP3 B 1 11.18 -8.40 -3.27
C1E GP3 B 1 10.26 -9.01 -5.37
N9B GP3 B 1 9.82 -10.15 -6.21
C8B GP3 B 1 9.51 -10.10 -7.51
N7B GP3 B 1 9.10 -11.30 -7.88
C5B GP3 B 1 9.14 -12.10 -6.81
C6B GP3 B 1 8.82 -13.37 -6.64
O6B GP3 B 1 8.42 -14.06 -7.55
N1B GP3 B 1 8.95 -13.95 -5.39
C2B GP3 B 1 9.41 -13.20 -4.32
N2B GP3 B 1 9.55 -13.72 -3.10
N3B GP3 B 1 9.70 -11.91 -4.55
C4B GP3 B 1 9.58 -11.38 -5.78
O5' LCC C 7 -0.05 1.26 2.45
C5' LCC C 7 -0.20 0.46 1.26
C4' LCC C 7 1.08 -0.35 1.19
O4' LCC C 7 2.22 0.49 0.78
C1' LCC C 7 3.38 -0.19 1.37
N1 LCC C 7 4.10 0.68 2.35
C6 LCC C 7 3.53 1.86 2.88
C5 LCC C 7 4.26 2.64 3.75
C5M LCC C 7 3.73 3.79 4.31
C4 LCC C 7 5.57 2.26 4.07
N4 LCC C 7 6.28 3.02 4.94
N3 LCC C 7 6.06 1.13 3.51
C2 LCC C 7 5.34 0.36 2.66
O2 LCC C 7 5.85 -0.65 2.19
C3' LCC C 7 1.54 -0.87 2.50
C2' LCC C 7 2.77 -1.45 1.94
O2' LCC C 7 2.23 -2.28 0.81
O3' LCC C 7 0.66 -1.83 2.94
C6' LCC C 7 0.97 -1.61 0.29
P LCC C 7 -0.98 2.55 2.58
O1P LCC C 7 -2.47 2.04 2.54
O2P LCC C 7 -0.56 3.26 3.89
O5' LCC C 8 2.09 -3.39 4.35
C5' LCC C 8 2.27 -4.68 3.87
C4' LCC C 8 3.75 -4.81 4.12
O4' LCC C 8 4.62 -3.74 3.62
C1' LCC C 8 5.81 -3.91 4.33
N1 LCC C 8 6.09 -2.73 5.13
C6 LCC C 8 5.09 -1.83 5.48
C5 LCC C 8 5.42 -0.72 6.23
C5M LCC C 8 4.41 0.19 6.61
C4 LCC C 8 6.75 -0.53 6.57
N4 LCC C 8 7.09 0.52 7.30
N3 LCC C 8 7.67 -1.41 6.22
C2 LCC C 8 7.32 -2.47 5.52
O2 LCC C 8 8.24 -3.21 5.23
C3' LCC C 8 4.05 -4.91 5.51
C2' LCC C 8 5.51 -5.10 5.20
O2' LCC C 8 5.53 -6.23 4.34
O3' LCC C 8 3.42 -6.06 5.94
C6' LCC C 8 4.28 -6.11 3.57
P LCC C 8 0.76 -2.54 4.37
O1P LCC C 8 -0.40 -3.68 4.63
O2P LCC C 8 0.96 -1.72 5.51
N9A GP3 D 1 13.69 -0.81 9.42
C8A GP3 D 1 13.63 0.45 9.84
N7A GP3 D 1 12.49 0.97 9.37
C5A GP3 D 1 11.88 0.01 8.67
C6A GP3 D 1 10.72 -0.05 8.00
O6A GP3 D 1 10.00 0.93 7.94
N1A GP3 D 1 10.29 -1.19 7.34
C2A GP3 D 1 11.11 -2.30 7.40
N2A GP3 D 1 10.77 -3.43 6.78
N3A GP3 D 1 12.26 -2.22 8.07
C4A GP3 D 1 12.63 -1.08 8.70
O5D GP3 D 1 16.72 1.44 9.52
C5D GP3 D 1 17.14 0.44 10.43
C4D GP3 D 1 16.74 -0.98 9.95
O4D GP3 D 1 15.53 -1.47 10.64
C3D GP3 D 1 16.47 -1.15 8.41
O3D GP3 D 1 17.63 -1.57 7.74
C2D GP3 D 1 15.48 -2.30 8.42
O2D GP3 D 1 16.14 -3.57 8.59
C1D GP3 D 1 14.66 -1.94 9.62
PA GP3 D 1 17.12 3.01 9.74
O1A GP3 D 1 16.04 3.74 10.43
O2A GP3 D 1 18.48 3.00 10.29
O3A GP3 D 1 17.16 3.58 8.24
PB GP3 D 1 18.17 2.90 7.19
O1B GP3 D 1 18.65 3.98 6.29
O2B GP3 D 1 19.15 1.99 7.83
O3B GP3 D 1 17.13 1.94 6.39
PG GP3 D 1 16.67 2.33 4.91
O1G GP3 D 1 15.97 3.64 4.95
O2G GP3 D 1 17.84 2.15 4.04
O5E GP3 D 1 15.79 1.09 4.51
C5E GP3 D 1 16.46 -0.17 4.45
C4E GP3 D 1 15.42 -1.25 4.27
O4E GP3 D 1 14.41 -1.25 5.28
C3E GP3 D 1 14.66 -0.95 3.07
O3E GP3 D 1 15.49 -1.29 2.01
C2E GP3 D 1 13.44 -1.76 3.21
O2E GP3 D 1 13.68 -3.17 3.00
C1E GP3 D 1 13.13 -1.49 4.65
N9B GP3 D 1 12.32 -0.27 4.87
C8B GP3 D 1 12.66 0.87 5.50
N7B GP3 D 1 11.61 1.68 5.46
C5B GP3 D 1 10.63 1.07 4.80
C6B GP3 D 1 9.38 1.44 4.50
O6B GP3 D 1 8.91 2.54 4.79
N1B GP3 D 1 8.59 0.55 3.80
C2B GP3 D 1 9.08 -0.70 3.43
N2B GP3 D 1 8.32 -1.54 2.75
N3B GP3 D 1 10.32 -1.03 3.76
C4B GP3 D 1 11.08 -0.16 4.44
O5' LCC E 7 -8.49 7.67 -0.97
C5' LCC E 7 -8.79 6.97 -2.18
C4' LCC E 7 -10.20 7.48 -2.53
O4' LCC E 7 -11.31 7.16 -1.64
C1' LCC E 7 -12.32 8.17 -1.99
N1 LCC E 7 -12.70 9.01 -0.81
C6 LCC E 7 -11.85 9.17 0.33
C5 LCC E 7 -12.26 9.96 1.40
C5M LCC E 7 -11.46 10.15 2.52
C4 LCC E 7 -13.48 10.58 1.32
N4 LCC E 7 -13.84 11.32 2.35
N3 LCC E 7 -14.27 10.41 0.24
C2 LCC E 7 -13.89 9.64 -0.82
O2 LCC E 7 -14.65 9.56 -1.80
C3' LCC E 7 -10.24 8.91 -2.61
C2' LCC E 7 -11.65 8.98 -3.08
O2' LCC E 7 -11.61 8.19 -4.22
O3' LCC E 7 -9.36 9.37 -3.61
C6' LCC E 7 -10.68 7.06 -3.94
P LCC E 7 -7.11 7.68 -0.14
O1P LCC E 7 -5.83 7.44 -0.91
O2P LCC E 7 -7.00 8.80 0.83
O5' LCC E 8 -10.87 11.55 -4.97
C5' LCC E 8 -11.60 11.07 -6.10
C4' LCC E 8 -13.01 11.61 -5.86
O4' LCC E 8 -13.66 11.13 -4.63
C1' LCC E 8 -14.67 12.13 -4.46
N1 LCC E 8 -14.50 12.75 -3.16
C6 LCC E 8 -13.30 12.68 -2.39
C5 LCC E 8 -13.22 13.30 -1.14
C5M LCC E 8 -12.04 13.24 -0.37
C4 LCC E 8 -14.37 13.95 -0.71
N4 LCC E 8 -14.38 14.55 0.49
N3 LCC E 8 -15.48 13.99 -1.47
C2 LCC E 8 -15.54 13.41 -2.68
O2 LCC E 8 -16.59 13.48 -3.35
C3' LCC E 8 -13.02 13.05 -5.73
C2' LCC E 8 -14.47 13.12 -5.60
O2' LCC E 8 -14.93 12.54 -6.82
O3' LCC E 8 -12.59 13.55 -6.93
C6' LCC E 8 -13.99 11.40 -7.03
P LCC E 8 -9.47 10.83 -4.43
O1P LCC E 8 -8.48 10.99 -5.51
O2P LCC E 8 -9.29 11.73 -3.41
N9A GP3 F 1 -20.37 17.77 1.04
C8A GP3 F 1 -19.99 17.80 2.34
N7A GP3 F 1 -18.92 17.01 2.47
C5A GP3 F 1 -18.60 16.50 1.27
C6A GP3 F 1 -17.62 15.68 0.87
O6A GP3 F 1 -16.78 15.21 1.63
N1A GP3 F 1 -17.58 15.33 -0.48
C2A GP3 F 1 -18.52 15.81 -1.37
N2A GP3 F 1 -18.49 15.47 -2.65
N3A GP3 F 1 -19.45 16.62 -0.90
C4A GP3 F 1 -19.50 16.97 0.39
O5D GP3 F 1 -23.02 17.99 3.58
C5D GP3 F 1 -24.18 18.38 2.82
C4D GP3 F 1 -23.73 18.60 1.38
O4D GP3 F 1 -22.39 19.20 1.40
C3D GP3 F 1 -23.60 17.26 0.65
O3D GP3 F 1 -24.81 16.86 -0.05
C2D GP3 F 1 -22.50 17.52 -0.35
O2D GP3 F 1 -23.01 18.12 -1.56
C1D GP3 F 1 -21.55 18.50 0.40
PA GP3 F 1 -23.12 18.59 5.32
O1A GP3 F 1 -23.53 19.86 5.55
O2A GP3 F 1 -21.86 18.10 6.08
O3A GP3 F 1 -24.20 17.74 5.77
PB GP3 F 1 -24.19 16.05 5.88
O1B GP3 F 1 -23.31 15.62 7.02
O2B GP3 F 1 -25.67 15.80 5.90
O3B GP3 F 1 -23.52 15.28 4.60
PG GP3 F 1 -23.64 13.67 4.56
O1G GP3 F 1 -22.79 13.05 5.61
O2G GP3 F 1 -25.08 13.38 4.55
O5E GP3 F 1 -23.12 13.34 3.03
C5E GP3 F 1 -24.05 13.41 1.94
C4E GP3 F 1 -23.38 13.48 0.56
O4E GP3 F 1 -22.21 14.30 0.57
C3E GP3 F 1 -22.88 12.14 0.13
O3E GP3 F 1 -23.75 11.12 -0.23
C2E GP3 F 1 -21.85 12.40 -0.86
O2E GP3 F 1 -22.41 12.83 -2.13
C1E GP3 F 1 -21.19 13.58 -0.18
N9B GP3 F 1 -20.12 13.29 0.79
C8B GP3 F 1 -20.04 13.64 2.06
N7B GP3 F 1 -18.88 13.21 2.53
C5B GP3 F 1 -18.24 12.57 1.56
C6B GP3 F 1 -17.05 11.98 1.52
O6B GP3 F 1 -16.32 11.90 2.50
N1B GP3 F 1 -16.64 11.43 0.33
C2B GP3 F 1 -17.47 11.51 -0.80
N2B GP3 F 1 -17.09 10.97 -1.97
N3B GP3 F 1 -18.65 12.13 -0.71
C4B GP3 F 1 -19.03 12.64 0.47
#